data_7CUH
#
_entry.id   7CUH
#
_cell.length_a   62.212
_cell.length_b   65.903
_cell.length_c   92.789
_cell.angle_alpha   90.000
_cell.angle_beta   90.000
_cell.angle_gamma   90.000
#
_symmetry.space_group_name_H-M   'P 21 21 21'
#
loop_
_entity.id
_entity.type
_entity.pdbx_description
1 polymer 'Protection of telomeres protein 1'
2 polymer 'Telomere single-strand DNA'
#
loop_
_entity_poly.entity_id
_entity_poly.type
_entity_poly.pdbx_seq_one_letter_code
_entity_poly.pdbx_strand_id
1 'polypeptide(L)'
;MGEDVIDSLQLNELLNAGEYKIGELTFQSIRSSQELQKKNTIVNLFGIVKDFTPSRQSLHGTKDWVTTVYLWDPTCDTSS
IGLQIHLFSKQGNDLPVIKQVGQPLLLHQITLRSYRDRTQGLSKDQFRYALWPDFSSNSKDTLCPQPMPRLMKTGDKEEQ
FALLLNKIWDEQTNKHKNGELLSTSSARQNQTGLSYPSVSFSLLSQITPHQRCSFYAQVIKTWYSDKNFTLYVTDYTENE
LFFPMSPYTSSSRWRGPFGRFSIRCILWDEHDFYCRNYIKEGDYVVMKNVRTKIDHLGYLECILHGDSAKRYNMSIEKVD
SEEPELNEIKSRKRLYVQN
;
A
2 'polydeoxyribonucleotide' (DG)(DG)(DT)(DT)(DA)(DC)(DA)(DG)(DG)(DG)(DG)(DT)(DT)(DA)(DC)(DG)(DG)(DT) B
#
loop_
_chem_comp.id
_chem_comp.type
_chem_comp.name
_chem_comp.formula
DA DNA linking 2'-DEOXYADENOSINE-5'-MONOPHOSPHATE 'C10 H14 N5 O6 P'
DC DNA linking 2'-DEOXYCYTIDINE-5'-MONOPHOSPHATE 'C9 H14 N3 O7 P'
DG DNA linking 2'-DEOXYGUANOSINE-5'-MONOPHOSPHATE 'C10 H14 N5 O7 P'
DT DNA linking THYMIDINE-5'-MONOPHOSPHATE 'C10 H15 N2 O8 P'
#
# COMPACT_ATOMS: atom_id res chain seq x y z
N SER A 8 -0.58 13.26 -21.07
CA SER A 8 -0.70 12.91 -19.62
C SER A 8 -1.82 11.90 -19.43
N LEU A 9 -2.87 12.01 -20.26
CA LEU A 9 -4.05 11.17 -20.15
C LEU A 9 -3.89 9.87 -20.95
N GLN A 10 -3.17 9.94 -22.08
CA GLN A 10 -2.90 8.77 -22.90
C GLN A 10 -2.17 7.71 -22.07
N LEU A 11 -1.42 8.19 -21.07
CA LEU A 11 -0.76 7.36 -20.06
C LEU A 11 -1.81 6.72 -19.17
N ASN A 12 -2.68 7.55 -18.57
CA ASN A 12 -3.76 7.12 -17.69
C ASN A 12 -4.63 6.07 -18.38
N GLU A 13 -5.00 6.34 -19.63
CA GLU A 13 -5.97 5.56 -20.39
C GLU A 13 -5.49 4.12 -20.52
N LEU A 14 -4.22 3.96 -20.89
CA LEU A 14 -3.62 2.64 -21.07
C LEU A 14 -3.47 1.94 -19.72
N LEU A 15 -3.03 2.68 -18.70
CA LEU A 15 -2.81 2.14 -17.37
C LEU A 15 -4.11 1.55 -16.78
N ASN A 16 -5.20 2.33 -16.86
CA ASN A 16 -6.51 2.00 -16.29
C ASN A 16 -7.12 0.74 -16.92
N ALA A 17 -6.57 0.31 -18.06
CA ALA A 17 -6.91 -0.95 -18.69
C ALA A 17 -6.39 -2.11 -17.84
N GLY A 18 -5.22 -1.90 -17.23
CA GLY A 18 -4.58 -2.87 -16.36
C GLY A 18 -3.33 -3.46 -17.02
N GLU A 19 -3.39 -3.53 -18.36
CA GLU A 19 -2.32 -3.99 -19.22
C GLU A 19 -2.15 -2.98 -20.36
N TYR A 20 -0.93 -2.84 -20.90
CA TYR A 20 -0.64 -1.94 -22.00
C TYR A 20 0.64 -2.37 -22.71
N LYS A 21 1.18 -1.55 -23.63
CA LYS A 21 2.32 -1.94 -24.46
C LYS A 21 3.06 -0.72 -25.03
N ILE A 22 4.41 -0.79 -25.02
CA ILE A 22 5.30 0.18 -25.68
C ILE A 22 6.42 -0.57 -26.39
N GLY A 23 6.97 0.05 -27.45
CA GLY A 23 8.01 -0.58 -28.25
C GLY A 23 7.42 -1.75 -29.04
N GLU A 24 7.59 -2.96 -28.48
CA GLU A 24 6.89 -4.16 -28.95
C GLU A 24 6.82 -5.19 -27.82
N LEU A 25 6.44 -4.75 -26.61
CA LEU A 25 6.18 -5.68 -25.50
C LEU A 25 5.21 -5.08 -24.49
N THR A 26 4.52 -5.97 -23.77
CA THR A 26 3.31 -5.67 -23.01
C THR A 26 3.56 -5.54 -21.51
N PHE A 27 3.18 -4.38 -20.96
CA PHE A 27 3.32 -4.08 -19.54
C PHE A 27 2.03 -4.36 -18.79
N GLN A 28 2.16 -4.40 -17.46
CA GLN A 28 1.04 -4.38 -16.54
C GLN A 28 1.26 -3.22 -15.57
N SER A 29 0.17 -2.58 -15.15
CA SER A 29 0.25 -1.53 -14.15
C SER A 29 0.48 -2.13 -12.76
N ILE A 30 0.90 -1.29 -11.79
CA ILE A 30 1.31 -1.74 -10.48
C ILE A 30 0.10 -2.23 -9.66
N ARG A 31 -0.98 -1.43 -9.64
CA ARG A 31 -2.18 -1.70 -8.85
C ARG A 31 -2.76 -3.06 -9.25
N SER A 32 -3.03 -3.22 -10.55
CA SER A 32 -3.48 -4.49 -11.09
C SER A 32 -2.56 -5.61 -10.58
N SER A 33 -1.25 -5.45 -10.82
CA SER A 33 -0.22 -6.43 -10.49
C SER A 33 -0.21 -6.80 -9.01
N GLN A 34 -0.68 -5.89 -8.14
CA GLN A 34 -0.71 -6.17 -6.71
C GLN A 34 -1.84 -7.15 -6.36
N GLU A 35 -2.73 -7.46 -7.32
CA GLU A 35 -3.67 -8.55 -7.21
C GLU A 35 -2.96 -9.79 -6.66
N LEU A 36 -3.62 -10.48 -5.72
CA LEU A 36 -3.06 -11.71 -5.18
C LEU A 36 -3.35 -12.86 -6.14
N GLN A 37 -2.40 -13.11 -7.04
CA GLN A 37 -2.41 -14.28 -7.90
C GLN A 37 -1.80 -15.46 -7.16
N LYS A 38 -2.51 -16.58 -7.15
CA LYS A 38 -2.05 -17.79 -6.49
C LYS A 38 -0.98 -18.46 -7.36
N LYS A 39 -1.24 -18.49 -8.66
CA LYS A 39 -0.31 -19.04 -9.64
C LYS A 39 0.67 -17.96 -10.06
N ASN A 40 1.96 -18.32 -10.12
CA ASN A 40 3.05 -17.41 -10.46
C ASN A 40 3.11 -17.24 -11.98
N THR A 41 3.20 -15.97 -12.43
CA THR A 41 3.22 -15.62 -13.85
C THR A 41 4.38 -14.69 -14.19
N ILE A 42 4.62 -14.51 -15.50
CA ILE A 42 5.74 -13.74 -16.02
C ILE A 42 5.25 -12.34 -16.43
N VAL A 43 5.76 -11.32 -15.73
CA VAL A 43 5.29 -9.97 -15.96
C VAL A 43 6.46 -9.08 -16.42
N ASN A 44 6.08 -8.06 -17.18
CA ASN A 44 6.96 -6.98 -17.59
C ASN A 44 6.41 -5.69 -16.98
N LEU A 45 7.27 -4.96 -16.24
CA LEU A 45 6.84 -3.80 -15.44
C LEU A 45 7.52 -2.51 -15.90
N PHE A 46 6.84 -1.40 -15.61
CA PHE A 46 7.34 -0.06 -15.82
C PHE A 46 6.65 0.88 -14.84
N GLY A 47 7.46 1.56 -14.04
CA GLY A 47 7.00 2.51 -13.04
C GLY A 47 8.17 3.32 -12.50
N ILE A 48 8.08 3.74 -11.24
CA ILE A 48 9.15 4.53 -10.67
C ILE A 48 9.48 4.09 -9.25
N VAL A 49 10.74 4.28 -8.89
CA VAL A 49 11.31 3.77 -7.65
C VAL A 49 10.94 4.70 -6.50
N LYS A 50 9.95 4.23 -5.72
CA LYS A 50 9.49 4.92 -4.52
C LYS A 50 10.35 4.47 -3.33
N ASP A 51 11.04 3.32 -3.43
CA ASP A 51 12.04 2.93 -2.44
C ASP A 51 12.97 1.78 -2.88
N PHE A 52 14.26 1.88 -2.51
CA PHE A 52 15.32 1.01 -3.02
C PHE A 52 16.40 0.71 -1.97
N THR A 53 16.98 -0.50 -2.01
CA THR A 53 18.15 -0.87 -1.22
C THR A 53 19.41 -0.97 -2.07
N PRO A 54 20.61 -0.85 -1.47
CA PRO A 54 21.86 -1.17 -2.19
C PRO A 54 21.91 -2.64 -2.58
N SER A 55 22.58 -2.92 -3.70
CA SER A 55 22.86 -4.28 -4.07
C SER A 55 24.01 -4.76 -3.19
N ARG A 56 23.88 -6.00 -2.75
CA ARG A 56 24.85 -6.62 -1.87
C ARG A 56 24.60 -8.11 -1.95
N GLN A 57 25.63 -8.90 -1.64
CA GLN A 57 25.51 -10.34 -1.64
C GLN A 57 24.65 -10.75 -0.45
N SER A 58 23.72 -11.66 -0.70
CA SER A 58 22.92 -12.26 0.37
C SER A 58 23.72 -13.35 1.09
N LEU A 59 23.47 -13.54 2.39
CA LEU A 59 24.36 -14.29 3.26
C LEU A 59 24.07 -15.80 3.26
N HIS A 60 22.87 -16.23 2.83
CA HIS A 60 22.50 -17.63 2.95
C HIS A 60 21.98 -18.18 1.62
N GLY A 61 22.04 -19.52 1.47
CA GLY A 61 21.67 -20.20 0.24
C GLY A 61 22.63 -19.86 -0.88
N THR A 62 22.10 -19.85 -2.11
CA THR A 62 22.86 -19.49 -3.31
C THR A 62 23.61 -18.17 -3.15
N LYS A 63 23.29 -17.37 -2.12
CA LYS A 63 24.04 -16.17 -1.76
C LYS A 63 24.09 -15.16 -2.91
N ASP A 64 22.97 -15.05 -3.64
CA ASP A 64 22.88 -14.20 -4.83
C ASP A 64 23.06 -12.73 -4.48
N TRP A 65 23.56 -11.97 -5.46
CA TRP A 65 23.53 -10.53 -5.36
C TRP A 65 22.05 -10.15 -5.30
N VAL A 66 21.71 -9.14 -4.50
CA VAL A 66 20.31 -8.77 -4.32
C VAL A 66 20.14 -7.28 -4.00
N THR A 67 19.29 -6.63 -4.81
CA THR A 67 18.73 -5.31 -4.54
C THR A 67 17.23 -5.50 -4.45
N THR A 68 16.59 -4.67 -3.61
CA THR A 68 15.14 -4.71 -3.39
C THR A 68 14.53 -3.34 -3.66
N VAL A 69 13.41 -3.32 -4.39
CA VAL A 69 12.84 -2.07 -4.85
C VAL A 69 11.32 -2.12 -4.82
N TYR A 70 10.73 -0.93 -4.70
CA TYR A 70 9.31 -0.69 -4.72
C TYR A 70 8.95 0.23 -5.88
N LEU A 71 8.26 -0.37 -6.86
CA LEU A 71 7.86 0.32 -8.07
C LEU A 71 6.44 0.84 -7.91
N TRP A 72 6.26 2.14 -8.18
CA TRP A 72 4.99 2.86 -8.10
C TRP A 72 4.53 3.25 -9.50
N ASP A 73 3.21 3.38 -9.69
CA ASP A 73 2.66 4.10 -10.83
C ASP A 73 1.34 4.76 -10.42
N PRO A 74 0.73 5.61 -11.29
CA PRO A 74 -0.53 6.28 -10.95
C PRO A 74 -1.76 5.45 -10.61
N THR A 75 -1.72 4.13 -10.84
CA THR A 75 -2.83 3.28 -10.47
C THR A 75 -2.84 3.02 -8.96
N CYS A 76 -1.75 3.38 -8.28
CA CYS A 76 -1.73 3.36 -6.82
C CYS A 76 -1.89 4.81 -6.34
N ASP A 77 -2.32 4.97 -5.08
CA ASP A 77 -2.40 6.30 -4.47
C ASP A 77 -1.00 6.76 -4.07
N THR A 78 -0.79 8.08 -4.03
CA THR A 78 0.49 8.70 -3.74
C THR A 78 1.06 8.26 -2.39
N SER A 79 0.22 7.58 -1.60
CA SER A 79 0.56 7.16 -0.25
C SER A 79 1.32 5.83 -0.29
N SER A 80 0.85 4.91 -1.14
CA SER A 80 1.44 3.57 -1.25
C SER A 80 2.81 3.62 -1.90
N ILE A 81 3.77 2.82 -1.40
CA ILE A 81 5.09 2.73 -2.00
C ILE A 81 5.03 1.88 -3.26
N GLY A 82 4.10 0.90 -3.28
CA GLY A 82 3.77 0.14 -4.48
C GLY A 82 4.07 -1.36 -4.35
N LEU A 83 4.55 -1.97 -5.44
CA LEU A 83 4.86 -3.40 -5.50
C LEU A 83 6.29 -3.67 -5.01
N GLN A 84 6.43 -4.67 -4.13
CA GLN A 84 7.75 -5.07 -3.63
C GLN A 84 8.40 -6.00 -4.65
N ILE A 85 9.64 -5.68 -5.02
CA ILE A 85 10.38 -6.46 -6.00
C ILE A 85 11.80 -6.67 -5.48
N HIS A 86 12.17 -7.95 -5.37
CA HIS A 86 13.55 -8.34 -5.13
C HIS A 86 14.18 -8.75 -6.45
N LEU A 87 15.30 -8.11 -6.80
CA LEU A 87 16.05 -8.47 -7.98
C LEU A 87 17.27 -9.26 -7.53
N PHE A 88 17.63 -10.27 -8.33
CA PHE A 88 18.66 -11.24 -7.99
C PHE A 88 19.60 -11.44 -9.17
N SER A 89 20.88 -11.68 -8.84
CA SER A 89 21.90 -12.01 -9.83
C SER A 89 22.89 -13.05 -9.30
N LYS A 90 22.88 -14.23 -9.93
CA LYS A 90 23.75 -15.34 -9.56
C LYS A 90 25.09 -15.18 -10.27
N GLN A 91 25.12 -14.32 -11.29
CA GLN A 91 26.24 -14.29 -12.23
C GLN A 91 27.24 -13.16 -11.91
N GLY A 92 26.93 -12.32 -10.91
CA GLY A 92 27.74 -11.16 -10.57
C GLY A 92 26.86 -9.99 -10.15
N ASN A 93 27.45 -8.79 -10.04
CA ASN A 93 26.73 -7.63 -9.52
C ASN A 93 26.30 -6.71 -10.66
N ASP A 94 25.33 -7.20 -11.45
CA ASP A 94 24.83 -6.52 -12.63
C ASP A 94 23.39 -6.09 -12.37
N LEU A 95 23.12 -5.66 -11.13
CA LEU A 95 21.79 -5.18 -10.75
C LEU A 95 21.66 -3.67 -10.98
N PRO A 96 20.43 -3.13 -11.02
CA PRO A 96 20.21 -1.70 -11.26
C PRO A 96 20.93 -0.80 -10.27
N VAL A 97 21.71 0.14 -10.80
CA VAL A 97 22.39 1.09 -9.95
C VAL A 97 21.49 2.32 -9.80
N ILE A 98 20.79 2.35 -8.66
CA ILE A 98 19.75 3.34 -8.40
C ILE A 98 20.29 4.42 -7.47
N LYS A 99 20.24 5.68 -7.92
CA LYS A 99 20.76 6.81 -7.16
C LYS A 99 19.70 7.28 -6.16
N GLN A 100 18.53 7.67 -6.68
CA GLN A 100 17.57 8.50 -5.96
C GLN A 100 16.15 8.03 -6.29
N VAL A 101 15.19 8.38 -5.43
CA VAL A 101 13.79 8.07 -5.68
C VAL A 101 13.31 8.88 -6.88
N GLY A 102 12.23 8.39 -7.51
CA GLY A 102 11.65 9.06 -8.66
C GLY A 102 12.33 8.69 -9.98
N GLN A 103 13.30 7.77 -9.95
CA GLN A 103 13.89 7.29 -11.18
C GLN A 103 12.89 6.34 -11.83
N PRO A 104 12.46 6.59 -13.08
CA PRO A 104 11.69 5.59 -13.83
C PRO A 104 12.51 4.31 -13.98
N LEU A 105 11.87 3.17 -13.73
CA LEU A 105 12.51 1.88 -13.93
C LEU A 105 11.58 0.92 -14.64
N LEU A 106 12.06 0.42 -15.79
CA LEU A 106 11.44 -0.67 -16.52
C LEU A 106 12.12 -1.96 -16.05
N LEU A 107 11.35 -3.05 -16.00
CA LEU A 107 11.90 -4.34 -15.60
C LEU A 107 11.29 -5.44 -16.46
N HIS A 108 12.04 -5.89 -17.48
CA HIS A 108 11.59 -7.01 -18.30
C HIS A 108 11.87 -8.33 -17.61
N GLN A 109 10.83 -9.19 -17.53
CA GLN A 109 10.95 -10.60 -17.20
C GLN A 109 11.04 -10.85 -15.68
N ILE A 110 10.10 -10.23 -14.95
CA ILE A 110 9.89 -10.41 -13.51
C ILE A 110 8.71 -11.35 -13.29
N THR A 111 8.73 -12.09 -12.16
CA THR A 111 7.61 -12.91 -11.74
C THR A 111 6.94 -12.31 -10.50
N LEU A 112 5.60 -12.49 -10.40
CA LEU A 112 4.82 -12.17 -9.21
C LEU A 112 4.54 -13.46 -8.43
N ARG A 113 4.57 -13.36 -7.10
CA ARG A 113 4.42 -14.52 -6.22
C ARG A 113 4.00 -14.04 -4.83
N SER A 114 2.90 -14.61 -4.31
CA SER A 114 2.25 -14.12 -3.09
C SER A 114 2.90 -14.72 -1.85
N TYR A 115 3.04 -13.89 -0.80
CA TYR A 115 3.74 -14.25 0.44
C TYR A 115 3.33 -13.29 1.55
N ARG A 116 2.94 -13.82 2.72
CA ARG A 116 2.46 -13.04 3.86
C ARG A 116 1.16 -12.30 3.48
N ASP A 117 0.44 -12.85 2.48
CA ASP A 117 -0.77 -12.27 1.91
C ASP A 117 -0.48 -10.92 1.24
N ARG A 118 0.69 -10.82 0.61
CA ARG A 118 1.13 -9.62 -0.09
C ARG A 118 1.78 -10.07 -1.40
N THR A 119 1.32 -9.55 -2.56
CA THR A 119 1.91 -9.91 -3.86
C THR A 119 3.34 -9.37 -3.95
N GLN A 120 4.26 -10.20 -4.47
CA GLN A 120 5.67 -9.86 -4.42
C GLN A 120 6.34 -10.16 -5.76
N GLY A 121 7.21 -9.23 -6.19
CA GLY A 121 8.05 -9.40 -7.38
C GLY A 121 9.30 -10.23 -7.08
N LEU A 122 9.56 -11.23 -7.94
CA LEU A 122 10.82 -11.93 -7.95
C LEU A 122 11.30 -12.05 -9.40
N SER A 123 12.54 -11.63 -9.66
CA SER A 123 13.08 -11.53 -11.02
C SER A 123 13.42 -12.93 -11.56
N LYS A 124 13.26 -13.10 -12.88
CA LYS A 124 13.77 -14.28 -13.55
C LYS A 124 15.28 -14.19 -13.80
N ASP A 125 15.93 -15.37 -13.86
CA ASP A 125 17.38 -15.46 -13.92
C ASP A 125 17.91 -14.58 -15.04
N GLN A 126 17.17 -14.51 -16.15
CA GLN A 126 17.63 -13.76 -17.31
C GLN A 126 16.93 -12.41 -17.42
N PHE A 127 16.64 -11.77 -16.27
CA PHE A 127 15.89 -10.52 -16.30
C PHE A 127 16.76 -9.39 -16.86
N ARG A 128 16.11 -8.45 -17.55
CA ARG A 128 16.75 -7.24 -18.05
C ARG A 128 16.09 -6.08 -17.33
N TYR A 129 16.63 -4.88 -17.53
CA TYR A 129 15.97 -3.69 -17.01
C TYR A 129 16.37 -2.48 -17.85
N ALA A 130 15.77 -1.34 -17.55
CA ALA A 130 16.24 -0.07 -18.08
C ALA A 130 15.80 1.01 -17.10
N LEU A 131 16.64 2.04 -16.93
CA LEU A 131 16.52 2.96 -15.81
C LEU A 131 16.80 4.40 -16.26
N TRP A 132 15.94 5.35 -15.87
CA TRP A 132 16.10 6.75 -16.24
C TRP A 132 16.36 7.65 -15.02
N PRO A 133 16.84 8.90 -15.21
CA PRO A 133 17.08 9.77 -14.06
C PRO A 133 15.79 10.38 -13.50
N ASP A 134 15.91 10.98 -12.31
CA ASP A 134 14.85 11.77 -11.69
C ASP A 134 14.84 13.18 -12.30
N PHE A 135 14.21 13.30 -13.47
CA PHE A 135 14.26 14.52 -14.28
C PHE A 135 13.97 15.75 -13.45
N SER A 136 13.07 15.60 -12.48
CA SER A 136 12.57 16.71 -11.68
C SER A 136 13.59 17.19 -10.65
N SER A 137 14.74 16.51 -10.54
CA SER A 137 15.74 16.90 -9.55
C SER A 137 16.63 18.01 -10.09
N ASN A 138 17.12 18.85 -9.17
CA ASN A 138 18.06 19.92 -9.43
C ASN A 138 19.41 19.32 -9.82
N SER A 139 19.86 18.36 -9.00
CA SER A 139 21.05 17.55 -9.25
C SER A 139 20.98 16.96 -10.67
N LYS A 140 22.07 17.09 -11.42
CA LYS A 140 22.06 16.72 -12.83
C LYS A 140 22.52 15.28 -13.05
N ASP A 141 23.06 14.65 -12.00
CA ASP A 141 23.70 13.35 -12.12
C ASP A 141 22.87 12.25 -11.47
N THR A 142 21.53 12.31 -11.59
CA THR A 142 20.65 11.37 -10.89
C THR A 142 20.64 9.98 -11.54
N LEU A 143 21.05 9.90 -12.81
CA LEU A 143 21.44 8.61 -13.36
C LEU A 143 22.95 8.49 -13.21
N CYS A 144 23.41 7.27 -12.95
CA CYS A 144 24.83 6.96 -12.94
C CYS A 144 25.03 5.76 -13.87
N PRO A 145 26.28 5.39 -14.24
CA PRO A 145 26.46 4.43 -15.33
C PRO A 145 26.06 3.06 -14.79
N GLN A 146 25.58 2.20 -15.70
CA GLN A 146 24.94 0.97 -15.31
C GLN A 146 25.72 -0.23 -15.83
N PRO A 147 25.65 -1.38 -15.13
CA PRO A 147 26.31 -2.60 -15.61
C PRO A 147 25.67 -3.07 -16.92
N MET A 148 26.52 -3.45 -17.88
CA MET A 148 26.09 -3.81 -19.22
C MET A 148 25.15 -5.02 -19.19
N PRO A 149 25.46 -6.13 -18.48
CA PRO A 149 24.95 -7.45 -18.84
C PRO A 149 23.44 -7.55 -19.01
N ARG A 150 22.70 -6.66 -18.32
CA ARG A 150 21.27 -6.76 -18.16
C ARG A 150 20.54 -5.52 -18.67
N LEU A 151 21.24 -4.52 -19.22
CA LEU A 151 20.59 -3.38 -19.88
C LEU A 151 19.66 -3.76 -21.03
N MET A 152 18.85 -2.80 -21.50
CA MET A 152 18.17 -2.85 -22.80
C MET A 152 18.21 -1.46 -23.46
N LYS A 153 18.52 -1.41 -24.77
CA LYS A 153 18.43 -0.18 -25.55
C LYS A 153 16.95 0.13 -25.76
N THR A 154 16.49 1.16 -25.04
CA THR A 154 15.08 1.49 -25.03
C THR A 154 14.76 2.40 -26.22
N GLY A 155 13.60 2.17 -26.85
CA GLY A 155 13.13 2.94 -27.99
C GLY A 155 12.58 4.31 -27.61
N ASP A 156 12.10 5.04 -28.62
CA ASP A 156 11.72 6.44 -28.51
C ASP A 156 10.55 6.59 -27.56
N LYS A 157 9.54 5.73 -27.73
CA LYS A 157 8.25 5.86 -27.07
C LYS A 157 8.37 5.74 -25.54
N GLU A 158 9.26 4.86 -25.07
CA GLU A 158 9.36 4.58 -23.64
C GLU A 158 10.08 5.72 -22.92
N GLU A 159 10.92 6.48 -23.62
CA GLU A 159 11.57 7.63 -23.01
C GLU A 159 10.57 8.78 -22.79
N GLN A 160 9.50 8.83 -23.61
CA GLN A 160 8.41 9.76 -23.35
C GLN A 160 7.77 9.37 -22.01
N PHE A 161 7.34 8.10 -21.94
CA PHE A 161 6.70 7.49 -20.79
C PHE A 161 7.41 7.84 -19.50
N ALA A 162 8.75 7.85 -19.56
CA ALA A 162 9.59 8.04 -18.38
C ALA A 162 9.50 9.47 -17.83
N LEU A 163 9.45 10.47 -18.74
CA LEU A 163 9.38 11.88 -18.36
C LEU A 163 8.03 12.17 -17.70
N LEU A 164 6.96 11.53 -18.20
CA LEU A 164 5.60 11.69 -17.70
C LEU A 164 5.51 11.14 -16.28
N LEU A 165 6.00 9.90 -16.09
CA LEU A 165 5.89 9.21 -14.81
C LEU A 165 6.58 10.02 -13.73
N ASN A 166 7.75 10.58 -14.05
CA ASN A 166 8.49 11.43 -13.12
C ASN A 166 7.72 12.73 -12.84
N LYS A 167 7.13 13.32 -13.88
CA LYS A 167 6.31 14.52 -13.75
C LYS A 167 5.13 14.21 -12.83
N ILE A 168 4.30 13.23 -13.24
CA ILE A 168 3.08 12.81 -12.57
C ILE A 168 3.37 12.53 -11.09
N TRP A 169 4.47 11.83 -10.85
CA TRP A 169 4.93 11.52 -9.50
C TRP A 169 5.25 12.79 -8.75
N ASP A 170 5.99 13.70 -9.41
CA ASP A 170 6.57 14.87 -8.77
C ASP A 170 5.46 15.79 -8.29
N GLU A 171 4.49 16.06 -9.16
CA GLU A 171 3.30 16.84 -8.83
C GLU A 171 2.63 16.24 -7.60
N GLN A 172 2.28 14.95 -7.71
CA GLN A 172 1.45 14.24 -6.74
C GLN A 172 2.15 14.08 -5.39
N THR A 173 3.48 14.21 -5.37
CA THR A 173 4.25 14.17 -4.14
C THR A 173 5.12 15.44 -4.05
N VAL A 199 -6.71 11.05 0.22
CA VAL A 199 -6.62 9.64 -0.28
C VAL A 199 -7.99 9.26 -0.82
N SER A 200 -8.30 7.95 -0.81
CA SER A 200 -9.62 7.48 -1.20
C SER A 200 -10.30 6.83 0.00
N PHE A 201 -11.34 7.50 0.55
CA PHE A 201 -11.95 7.06 1.79
C PHE A 201 -13.13 6.14 1.53
N SER A 202 -13.25 5.11 2.36
CA SER A 202 -14.36 4.18 2.21
C SER A 202 -15.31 4.35 3.39
N LEU A 203 -16.55 3.89 3.22
CA LEU A 203 -17.38 3.58 4.37
C LEU A 203 -16.93 2.24 4.88
N LEU A 204 -17.30 1.89 6.11
CA LEU A 204 -16.90 0.61 6.67
C LEU A 204 -17.68 -0.56 6.03
N SER A 205 -18.79 -0.27 5.37
CA SER A 205 -19.53 -1.30 4.65
C SER A 205 -18.76 -1.77 3.42
N GLN A 206 -17.78 -0.97 2.98
CA GLN A 206 -17.18 -1.15 1.67
C GLN A 206 -15.79 -1.77 1.77
N ILE A 207 -15.35 -2.11 2.98
CA ILE A 207 -14.01 -2.64 3.15
C ILE A 207 -14.04 -4.17 3.14
N THR A 208 -12.98 -4.79 2.59
CA THR A 208 -12.90 -6.24 2.46
C THR A 208 -11.54 -6.74 2.93
N PRO A 209 -11.41 -8.07 3.19
CA PRO A 209 -10.15 -8.65 3.62
C PRO A 209 -8.96 -8.23 2.77
N HIS A 210 -7.84 -8.00 3.47
CA HIS A 210 -6.53 -7.78 2.88
C HIS A 210 -6.57 -6.62 1.89
N GLN A 211 -6.82 -5.42 2.43
CA GLN A 211 -6.65 -4.19 1.69
C GLN A 211 -6.12 -3.11 2.62
N ARG A 212 -5.55 -2.08 2.00
CA ARG A 212 -5.18 -0.83 2.64
C ARG A 212 -6.33 0.15 2.38
N CYS A 213 -6.86 0.76 3.44
CA CYS A 213 -8.04 1.60 3.29
C CYS A 213 -8.01 2.74 4.31
N SER A 214 -8.93 3.71 4.11
CA SER A 214 -9.02 4.92 4.91
C SER A 214 -10.47 5.27 5.18
N PHE A 215 -10.77 5.76 6.40
CA PHE A 215 -12.15 6.01 6.76
C PHE A 215 -12.32 6.94 7.95
N TYR A 216 -13.49 7.58 8.03
CA TYR A 216 -13.96 8.22 9.24
C TYR A 216 -14.81 7.22 10.00
N ALA A 217 -14.78 7.34 11.33
CA ALA A 217 -15.54 6.49 12.23
C ALA A 217 -15.61 7.20 13.58
N GLN A 218 -16.68 6.90 14.34
CA GLN A 218 -16.74 7.26 15.74
C GLN A 218 -16.33 6.09 16.63
N VAL A 219 -15.67 6.39 17.75
CA VAL A 219 -15.20 5.35 18.68
C VAL A 219 -16.32 4.98 19.66
N ILE A 220 -16.52 3.68 19.85
CA ILE A 220 -17.54 3.18 20.75
C ILE A 220 -16.86 2.70 22.02
N LYS A 221 -15.62 2.22 21.90
CA LYS A 221 -15.04 1.45 23.00
C LYS A 221 -13.53 1.30 22.80
N THR A 222 -12.78 1.28 23.91
CA THR A 222 -11.34 1.03 23.89
C THR A 222 -10.94 0.01 24.93
N TRP A 223 -9.77 -0.59 24.72
CA TRP A 223 -9.21 -1.52 25.68
C TRP A 223 -7.70 -1.48 25.53
N TYR A 224 -7.04 -0.87 26.52
CA TYR A 224 -5.61 -0.97 26.64
C TYR A 224 -5.27 -2.33 27.22
N SER A 225 -4.11 -2.84 26.83
CA SER A 225 -3.50 -4.00 27.44
C SER A 225 -1.99 -3.78 27.39
N ASP A 226 -1.26 -4.52 28.22
CA ASP A 226 0.20 -4.51 28.27
C ASP A 226 0.83 -4.42 26.88
N LYS A 227 0.31 -5.20 25.91
CA LYS A 227 1.00 -5.46 24.65
C LYS A 227 0.46 -4.67 23.47
N ASN A 228 -0.72 -4.04 23.60
CA ASN A 228 -1.28 -3.24 22.50
C ASN A 228 -2.42 -2.32 22.98
N PHE A 229 -3.03 -1.60 22.02
CA PHE A 229 -4.28 -0.86 22.20
C PHE A 229 -5.31 -1.34 21.17
N THR A 230 -6.60 -1.35 21.57
CA THR A 230 -7.71 -1.73 20.71
C THR A 230 -8.76 -0.62 20.69
N LEU A 231 -9.26 -0.29 19.49
CA LEU A 231 -10.44 0.53 19.29
C LEU A 231 -11.54 -0.27 18.60
N TYR A 232 -12.78 -0.13 19.12
CA TYR A 232 -13.99 -0.54 18.41
C TYR A 232 -14.62 0.73 17.87
N VAL A 233 -14.72 0.78 16.54
CA VAL A 233 -15.21 1.99 15.89
C VAL A 233 -16.27 1.65 14.86
N THR A 234 -17.05 2.66 14.48
CA THR A 234 -18.21 2.51 13.61
C THR A 234 -18.46 3.78 12.81
N ASP A 235 -19.07 3.62 11.63
CA ASP A 235 -19.62 4.72 10.87
C ASP A 235 -21.11 4.46 10.64
N TYR A 236 -21.66 3.49 11.37
CA TYR A 236 -23.07 3.10 11.33
C TYR A 236 -23.46 2.58 9.95
N THR A 237 -22.59 1.78 9.33
CA THR A 237 -22.91 1.02 8.14
C THR A 237 -22.50 -0.42 8.38
N GLU A 238 -23.37 -1.38 8.01
CA GLU A 238 -23.20 -2.81 8.27
C GLU A 238 -22.17 -3.40 7.31
N ASN A 239 -21.27 -4.23 7.84
CA ASN A 239 -20.34 -5.02 7.07
C ASN A 239 -20.49 -6.49 7.49
N GLU A 240 -20.84 -7.34 6.51
CA GLU A 240 -20.99 -8.78 6.68
C GLU A 240 -19.94 -9.38 7.62
N LEU A 241 -18.68 -8.96 7.50
CA LEU A 241 -17.57 -9.66 8.13
C LEU A 241 -17.19 -9.03 9.46
N PHE A 242 -18.02 -8.10 9.97
CA PHE A 242 -17.91 -7.61 11.34
C PHE A 242 -18.61 -8.56 12.32
N PHE A 243 -18.30 -8.41 13.60
CA PHE A 243 -18.91 -9.23 14.60
C PHE A 243 -20.36 -8.77 14.76
N PRO A 244 -21.33 -9.71 14.94
CA PRO A 244 -22.70 -9.35 15.30
C PRO A 244 -22.84 -9.14 16.80
N MET A 245 -22.87 -7.88 17.20
CA MET A 245 -23.08 -7.51 18.59
C MET A 245 -24.53 -7.72 18.99
N SER A 246 -24.74 -8.64 19.94
CA SER A 246 -26.03 -9.02 20.47
C SER A 246 -26.63 -7.87 21.27
N PRO A 247 -27.96 -7.64 21.23
CA PRO A 247 -28.60 -6.77 22.22
C PRO A 247 -28.99 -7.50 23.50
N TYR A 248 -28.80 -8.83 23.50
CA TYR A 248 -29.43 -9.71 24.49
C TYR A 248 -28.40 -10.30 25.45
N THR A 249 -27.19 -9.75 25.48
CA THR A 249 -26.22 -10.19 26.50
C THR A 249 -26.47 -9.43 27.81
N SER A 250 -26.11 -10.07 28.93
CA SER A 250 -26.30 -9.47 30.24
C SER A 250 -24.98 -8.84 30.70
N SER A 251 -25.08 -7.67 31.33
CA SER A 251 -23.92 -6.99 31.88
C SER A 251 -22.89 -6.72 30.77
N SER A 252 -23.32 -5.98 29.76
CA SER A 252 -22.42 -5.42 28.76
C SER A 252 -22.55 -3.90 28.83
N ARG A 253 -21.43 -3.17 28.73
CA ARG A 253 -21.45 -1.72 28.82
C ARG A 253 -21.51 -1.11 27.41
N TRP A 254 -21.42 -1.96 26.39
CA TRP A 254 -21.68 -1.58 25.03
C TRP A 254 -23.16 -1.23 24.93
N ARG A 255 -23.47 -0.01 24.49
CA ARG A 255 -24.88 0.36 24.38
C ARG A 255 -25.37 0.25 22.94
N GLY A 256 -24.44 0.21 21.97
CA GLY A 256 -24.78 0.10 20.57
C GLY A 256 -23.57 0.48 19.72
N PRO A 257 -23.63 0.37 18.37
CA PRO A 257 -24.83 -0.10 17.67
C PRO A 257 -24.87 -1.63 17.66
N PHE A 258 -26.03 -2.24 17.39
CA PHE A 258 -26.14 -3.69 17.38
C PHE A 258 -25.96 -4.29 15.99
N GLY A 259 -25.63 -5.60 15.97
CA GLY A 259 -25.39 -6.33 14.74
C GLY A 259 -23.95 -6.15 14.28
N ARG A 260 -23.75 -5.98 12.97
CA ARG A 260 -22.41 -5.99 12.40
C ARG A 260 -22.02 -4.60 11.89
N PHE A 261 -21.98 -3.63 12.82
CA PHE A 261 -21.78 -2.22 12.52
C PHE A 261 -20.45 -1.68 13.06
N SER A 262 -19.61 -2.56 13.63
CA SER A 262 -18.38 -2.12 14.29
C SER A 262 -17.20 -3.01 13.91
N ILE A 263 -16.08 -2.35 13.60
CA ILE A 263 -14.83 -3.04 13.34
C ILE A 263 -13.92 -2.86 14.53
N ARG A 264 -13.13 -3.90 14.81
CA ARG A 264 -12.09 -3.76 15.79
C ARG A 264 -10.80 -3.33 15.10
N CYS A 265 -10.07 -2.43 15.75
CA CYS A 265 -8.79 -1.97 15.25
C CYS A 265 -7.72 -2.27 16.30
N ILE A 266 -6.55 -2.69 15.82
CA ILE A 266 -5.46 -3.02 16.73
C ILE A 266 -4.21 -2.20 16.42
N LEU A 267 -3.84 -1.35 17.39
CA LEU A 267 -2.76 -0.38 17.26
C LEU A 267 -1.53 -0.87 18.00
N TRP A 268 -0.43 -1.02 17.23
CA TRP A 268 0.84 -1.47 17.77
C TRP A 268 1.79 -0.29 17.88
N ASP A 269 2.76 -0.42 18.81
CA ASP A 269 3.95 0.41 18.80
C ASP A 269 3.54 1.87 18.93
N GLU A 270 4.01 2.70 17.99
CA GLU A 270 3.85 4.14 18.10
C GLU A 270 2.38 4.54 18.18
N HIS A 271 1.52 3.76 17.52
CA HIS A 271 0.08 4.02 17.42
C HIS A 271 -0.60 3.74 18.75
N ASP A 272 -0.07 2.74 19.46
CA ASP A 272 -0.46 2.44 20.82
C ASP A 272 -0.12 3.66 21.69
N PHE A 273 1.14 4.10 21.65
CA PHE A 273 1.61 5.06 22.64
C PHE A 273 0.88 6.38 22.48
N TYR A 274 0.52 6.69 21.23
CA TYR A 274 -0.11 7.96 20.91
C TYR A 274 -1.58 7.97 21.31
N CYS A 275 -2.24 6.80 21.28
CA CYS A 275 -3.69 6.77 21.41
C CYS A 275 -4.11 6.31 22.81
N ARG A 276 -3.26 5.53 23.48
CA ARG A 276 -3.62 4.78 24.68
C ARG A 276 -4.36 5.68 25.66
N ASN A 277 -3.88 6.91 25.81
CA ASN A 277 -4.44 7.84 26.77
C ASN A 277 -4.67 9.17 26.06
N TYR A 278 -5.27 9.07 24.86
CA TYR A 278 -5.63 10.21 24.04
C TYR A 278 -6.99 10.00 23.35
N ILE A 279 -7.14 8.92 22.57
CA ILE A 279 -8.42 8.61 21.97
C ILE A 279 -9.33 7.92 22.99
N LYS A 280 -10.60 8.34 23.01
CA LYS A 280 -11.52 7.98 24.08
C LYS A 280 -12.89 7.64 23.50
N GLU A 281 -13.68 6.84 24.26
CA GLU A 281 -15.01 6.44 23.85
C GLU A 281 -15.81 7.67 23.43
N GLY A 282 -16.15 7.75 22.14
CA GLY A 282 -17.09 8.73 21.66
C GLY A 282 -16.42 9.77 20.77
N ASP A 283 -15.08 9.78 20.78
CA ASP A 283 -14.32 10.59 19.83
C ASP A 283 -14.64 10.21 18.39
N TYR A 284 -14.57 11.20 17.49
CA TYR A 284 -14.66 10.93 16.06
C TYR A 284 -13.26 10.93 15.47
N VAL A 285 -12.88 9.81 14.83
CA VAL A 285 -11.53 9.64 14.32
C VAL A 285 -11.58 9.60 12.80
N VAL A 286 -10.43 9.90 12.19
CA VAL A 286 -10.18 9.61 10.80
C VAL A 286 -8.92 8.76 10.72
N MET A 287 -9.02 7.61 10.04
CA MET A 287 -7.92 6.66 9.98
C MET A 287 -7.46 6.53 8.54
N LYS A 288 -6.16 6.69 8.30
CA LYS A 288 -5.64 6.69 6.95
C LYS A 288 -4.66 5.54 6.77
N ASN A 289 -4.85 4.78 5.67
CA ASN A 289 -3.95 3.77 5.11
C ASN A 289 -3.74 2.59 6.06
N VAL A 290 -4.80 2.17 6.75
CA VAL A 290 -4.76 1.03 7.67
C VAL A 290 -4.90 -0.25 6.86
N ARG A 291 -4.43 -1.37 7.43
CA ARG A 291 -4.50 -2.66 6.75
C ARG A 291 -5.59 -3.52 7.39
N THR A 292 -6.42 -4.16 6.55
CA THR A 292 -7.49 -5.00 7.08
C THR A 292 -7.06 -6.46 7.09
N LYS A 293 -7.63 -7.25 8.01
CA LYS A 293 -7.25 -8.63 8.17
C LYS A 293 -8.39 -9.39 8.86
N ILE A 294 -8.45 -10.71 8.60
CA ILE A 294 -9.40 -11.59 9.25
C ILE A 294 -8.68 -12.18 10.46
N ASP A 295 -9.28 -12.03 11.64
CA ASP A 295 -8.66 -12.54 12.85
C ASP A 295 -8.99 -14.03 13.03
N HIS A 296 -8.38 -14.66 14.05
CA HIS A 296 -8.39 -16.11 14.22
C HIS A 296 -9.78 -16.70 14.04
N LEU A 297 -10.79 -16.02 14.58
CA LEU A 297 -12.14 -16.57 14.54
C LEU A 297 -13.02 -15.88 13.50
N GLY A 298 -12.37 -15.30 12.47
CA GLY A 298 -13.00 -15.11 11.17
C GLY A 298 -13.79 -13.81 11.01
N TYR A 299 -13.40 -12.78 11.77
CA TYR A 299 -14.05 -11.49 11.65
C TYR A 299 -13.01 -10.51 11.13
N LEU A 300 -13.47 -9.57 10.30
CA LEU A 300 -12.54 -8.63 9.68
C LEU A 300 -12.19 -7.55 10.69
N GLU A 301 -10.91 -7.14 10.65
CA GLU A 301 -10.25 -6.33 11.65
C GLU A 301 -9.40 -5.27 10.98
N CYS A 302 -8.95 -4.28 11.76
CA CYS A 302 -7.95 -3.34 11.30
C CYS A 302 -6.67 -3.43 12.12
N ILE A 303 -5.53 -3.48 11.42
CA ILE A 303 -4.25 -3.50 12.09
C ILE A 303 -3.47 -2.25 11.69
N LEU A 304 -2.95 -1.53 12.67
CA LEU A 304 -1.85 -0.60 12.42
C LEU A 304 -0.60 -1.14 13.08
N HIS A 305 0.23 -1.78 12.25
CA HIS A 305 1.51 -2.28 12.69
C HIS A 305 2.45 -1.09 12.87
N GLY A 306 3.46 -1.30 13.73
CA GLY A 306 4.49 -0.30 13.93
C GLY A 306 5.22 -0.06 12.62
N ASP A 307 5.66 1.19 12.40
CA ASP A 307 6.15 1.53 11.07
C ASP A 307 7.26 2.58 11.17
N SER A 308 8.35 2.20 11.84
CA SER A 308 9.52 3.05 12.08
C SER A 308 10.08 3.61 10.78
N ALA A 309 9.96 2.84 9.69
CA ALA A 309 10.63 3.16 8.44
C ALA A 309 9.75 4.00 7.49
N LYS A 310 8.87 4.85 8.04
CA LYS A 310 8.15 5.89 7.31
C LYS A 310 7.58 5.36 5.99
N ARG A 311 7.24 4.06 5.97
CA ARG A 311 7.00 3.32 4.75
C ARG A 311 5.54 3.42 4.30
N TYR A 312 4.61 3.13 5.23
CA TYR A 312 3.21 2.95 4.92
C TYR A 312 2.43 4.25 5.05
N ASN A 313 2.97 5.23 5.77
CA ASN A 313 2.35 6.53 6.06
C ASN A 313 0.89 6.41 6.47
N MET A 314 0.63 5.52 7.44
CA MET A 314 -0.69 5.44 8.01
C MET A 314 -0.79 6.46 9.14
N SER A 315 -2.02 6.89 9.43
CA SER A 315 -2.27 7.79 10.55
C SER A 315 -3.63 7.47 11.16
N ILE A 316 -3.86 7.95 12.39
CA ILE A 316 -5.18 8.05 13.01
C ILE A 316 -5.20 9.38 13.76
N GLU A 317 -6.24 10.19 13.56
CA GLU A 317 -6.26 11.49 14.21
C GLU A 317 -7.69 11.90 14.55
N LYS A 318 -7.85 12.66 15.64
CA LYS A 318 -9.15 13.15 16.10
C LYS A 318 -9.72 14.12 15.08
N VAL A 319 -11.05 14.12 14.95
CA VAL A 319 -11.72 15.05 14.06
C VAL A 319 -12.70 15.88 14.88
N ASP A 320 -12.68 17.20 14.69
CA ASP A 320 -13.50 18.11 15.48
C ASP A 320 -14.96 17.74 15.27
N SER A 321 -15.72 17.63 16.37
CA SER A 321 -17.07 17.11 16.36
C SER A 321 -17.98 17.78 15.33
N GLU A 322 -17.70 19.03 14.94
CA GLU A 322 -18.65 19.80 14.12
C GLU A 322 -18.22 19.82 12.66
N GLU A 323 -17.28 18.94 12.27
CA GLU A 323 -16.72 18.95 10.93
C GLU A 323 -17.75 18.48 9.91
N PRO A 324 -17.70 18.97 8.65
CA PRO A 324 -18.72 18.65 7.65
C PRO A 324 -18.58 17.21 7.17
N GLU A 325 -17.38 16.64 7.28
CA GLU A 325 -17.15 15.29 6.82
C GLU A 325 -17.82 14.28 7.76
N LEU A 326 -18.11 14.70 9.01
CA LEU A 326 -18.65 13.80 10.04
C LEU A 326 -20.17 13.77 10.06
N ASN A 327 -20.85 14.63 9.30
CA ASN A 327 -22.29 14.76 9.47
C ASN A 327 -23.06 13.61 8.81
N GLU A 328 -22.43 12.88 7.90
CA GLU A 328 -23.05 11.70 7.32
C GLU A 328 -23.12 10.59 8.37
N ILE A 329 -22.10 10.54 9.23
CA ILE A 329 -22.08 9.59 10.33
C ILE A 329 -23.19 9.92 11.31
N LYS A 330 -23.29 11.20 11.72
CA LYS A 330 -24.21 11.59 12.77
C LYS A 330 -25.63 11.24 12.38
N SER A 331 -25.99 11.57 11.13
CA SER A 331 -27.30 11.30 10.57
C SER A 331 -27.66 9.82 10.67
N ARG A 332 -26.73 8.95 10.23
CA ARG A 332 -26.92 7.51 10.26
C ARG A 332 -27.17 7.01 11.68
N LYS A 333 -26.58 7.70 12.67
CA LYS A 333 -26.68 7.33 14.07
C LYS A 333 -28.11 7.51 14.60
N ARG A 334 -28.81 8.55 14.12
CA ARG A 334 -30.19 8.78 14.49
C ARG A 334 -31.03 7.55 14.15
N LEU A 335 -30.68 6.88 13.04
CA LEU A 335 -31.48 5.81 12.47
C LEU A 335 -31.29 4.52 13.28
N TYR A 336 -30.40 4.52 14.29
CA TYR A 336 -30.19 3.35 15.13
C TYR A 336 -30.20 3.74 16.61
N VAL A 337 -30.93 4.82 16.97
CA VAL A 337 -30.93 5.36 18.31
C VAL A 337 -32.03 4.72 19.16
#